data_9K7M
#
_entry.id   9K7M
#
_cell.length_a   71.660
_cell.length_b   71.660
_cell.length_c   226.521
_cell.angle_alpha   90.00
_cell.angle_beta   90.00
_cell.angle_gamma   120.00
#
_symmetry.space_group_name_H-M   'P 61'
#
loop_
_entity.id
_entity.type
_entity.pdbx_description
1 polymer 'Glycoside hydrolase 131 catalytic N-terminal domain-containing protein'
2 branched beta-D-glucopyranose-(1-4)-alpha-D-glucopyranose
3 non-polymer '2-(N-MORPHOLINO)-ETHANESULFONIC ACID'
4 non-polymer DI(HYDROXYETHYL)ETHER
5 non-polymer 'TRIETHYLENE GLYCOL'
6 water water
#
_entity_poly.entity_id   1
_entity_poly.type   'polypeptide(L)'
_entity_poly.pdbx_seq_one_letter_code
;MGKVLWDGRAPRNYTSFHLDASVDPYLTVVKGPRAASIYTRLLGREVTPTPLWNDRLFPEVPYPAVSTEQALLVLIGNSS
VFTPGSSGRPQTGFRRTELIAQVNGSNIDLIPIIGKGRVAFHFSVLMDEWHKLDMIHEHQLVFVAPSDGSHVFTLQVGSP
FTNPTGPLPAPRADWLKILNHNLDVLFETEFTDETWHNFAVIVDWEKRTLQVWYSQNENNLVWVTPVLPNETVKRGTAGR
GDFHFGILKLPLVNVADPPEVRDDVVHYGIQPPTTHGIMYSGVFIEDLEDGLSVGNKFIQEVAAALEHHHHHH
;
_entity_poly.pdbx_strand_id   A,B
#
loop_
_chem_comp.id
_chem_comp.type
_chem_comp.name
_chem_comp.formula
BGC D-saccharide, beta linking beta-D-glucopyranose 'C6 H12 O6'
GLC D-saccharide, alpha linking alpha-D-glucopyranose 'C6 H12 O6'
MES non-polymer '2-(N-MORPHOLINO)-ETHANESULFONIC ACID' 'C6 H13 N O4 S'
PEG non-polymer DI(HYDROXYETHYL)ETHER 'C4 H10 O3'
PGE non-polymer 'TRIETHYLENE GLYCOL' 'C6 H14 O4'
#
# COMPACT_ATOMS: atom_id res chain seq x y z
N GLY A 2 -12.21 31.24 22.07
CA GLY A 2 -12.75 32.29 21.19
C GLY A 2 -14.20 32.03 20.84
N LYS A 3 -14.82 32.95 20.11
CA LYS A 3 -16.18 32.78 19.64
C LYS A 3 -16.16 31.82 18.46
N VAL A 4 -17.09 30.86 18.44
CA VAL A 4 -17.17 29.95 17.30
C VAL A 4 -17.75 30.69 16.11
N LEU A 5 -17.01 30.68 15.00
CA LEU A 5 -17.44 31.36 13.78
C LEU A 5 -18.17 30.39 12.85
N TRP A 6 -17.77 29.13 12.90
CA TRP A 6 -18.39 28.07 12.11
C TRP A 6 -18.08 26.77 12.82
N ASP A 7 -19.09 25.91 12.98
CA ASP A 7 -18.92 24.68 13.73
C ASP A 7 -19.18 23.48 12.82
N GLY A 8 -18.11 22.76 12.51
CA GLY A 8 -18.18 21.56 11.69
C GLY A 8 -18.13 20.28 12.52
N ARG A 9 -18.35 20.39 13.83
CA ARG A 9 -18.44 19.22 14.68
C ARG A 9 -19.83 18.62 14.51
N ALA A 10 -19.91 17.48 13.85
CA ALA A 10 -21.19 16.97 13.40
C ALA A 10 -22.11 16.73 14.59
N PRO A 11 -23.31 17.35 14.64
CA PRO A 11 -24.22 17.06 15.74
C PRO A 11 -24.53 15.57 15.84
N ARG A 12 -24.85 15.11 17.05
CA ARG A 12 -25.19 13.71 17.24
C ARG A 12 -26.45 13.35 16.45
N ASN A 13 -27.32 14.33 16.19
CA ASN A 13 -28.53 14.07 15.43
C ASN A 13 -28.36 14.30 13.92
N TYR A 14 -27.16 14.62 13.43
CA TYR A 14 -26.96 14.82 11.99
C TYR A 14 -27.10 13.48 11.27
N THR A 15 -27.58 13.53 10.02
CA THR A 15 -27.84 12.32 9.24
C THR A 15 -27.34 12.44 7.80
N SER A 16 -27.35 11.29 7.12
CA SER A 16 -27.07 11.18 5.70
C SER A 16 -27.96 12.12 4.89
N PHE A 17 -29.21 12.30 5.34
CA PHE A 17 -30.15 13.15 4.64
C PHE A 17 -29.73 14.61 4.69
N HIS A 18 -29.08 15.03 5.78
CA HIS A 18 -28.56 16.38 5.82
C HIS A 18 -27.44 16.54 4.79
N LEU A 19 -26.52 15.57 4.76
CA LEU A 19 -25.37 15.63 3.85
C LEU A 19 -25.84 15.68 2.39
N ASP A 20 -26.88 14.89 2.10
CA ASP A 20 -27.41 14.80 0.75
C ASP A 20 -28.14 16.09 0.37
N ALA A 21 -28.59 16.85 1.36
CA ALA A 21 -29.22 18.14 1.08
C ALA A 21 -28.19 19.27 1.04
N SER A 22 -26.91 18.99 1.39
CA SER A 22 -25.86 19.99 1.41
C SER A 22 -26.25 21.19 2.26
N VAL A 23 -26.75 20.92 3.47
CA VAL A 23 -27.19 21.98 4.36
C VAL A 23 -26.09 22.25 5.37
N ASP A 24 -26.28 23.33 6.12
CA ASP A 24 -25.31 23.71 7.12
C ASP A 24 -25.03 22.52 8.03
N PRO A 25 -23.78 22.32 8.49
CA PRO A 25 -22.67 23.23 8.22
C PRO A 25 -21.76 22.93 7.02
N TYR A 26 -22.17 22.02 6.14
CA TYR A 26 -21.25 21.51 5.13
C TYR A 26 -21.81 21.66 3.71
N LEU A 27 -21.02 22.32 2.85
CA LEU A 27 -21.21 22.24 1.41
C LEU A 27 -20.59 20.94 0.95
N THR A 28 -21.35 20.09 0.23
CA THR A 28 -20.93 18.72 -0.07
C THR A 28 -20.65 18.48 -1.55
N VAL A 29 -20.52 19.55 -2.35
CA VAL A 29 -20.48 19.42 -3.81
C VAL A 29 -19.16 18.80 -4.31
N VAL A 30 -18.06 18.93 -3.55
CA VAL A 30 -16.77 18.46 -4.05
C VAL A 30 -16.61 16.96 -3.77
N LYS A 31 -17.00 16.18 -4.78
CA LYS A 31 -17.10 14.73 -4.69
C LYS A 31 -17.39 14.19 -6.09
N GLY A 32 -17.39 12.87 -6.22
CA GLY A 32 -17.83 12.23 -7.42
C GLY A 32 -19.34 12.32 -7.58
N PRO A 33 -19.89 11.66 -8.61
CA PRO A 33 -21.30 11.86 -8.95
C PRO A 33 -22.28 11.23 -7.97
N ARG A 34 -21.84 10.32 -7.11
CA ARG A 34 -22.76 9.66 -6.19
C ARG A 34 -23.16 10.63 -5.07
N ALA A 35 -24.21 10.27 -4.33
CA ALA A 35 -24.72 11.15 -3.28
C ALA A 35 -23.64 11.40 -2.25
N ALA A 36 -23.72 12.56 -1.58
CA ALA A 36 -22.70 12.92 -0.60
C ALA A 36 -22.56 11.83 0.45
N SER A 37 -23.68 11.25 0.90
CA SER A 37 -23.72 10.26 1.97
C SER A 37 -23.09 8.93 1.55
N ILE A 38 -22.83 8.74 0.26
CA ILE A 38 -22.10 7.55 -0.15
C ILE A 38 -20.62 7.70 0.24
N TYR A 39 -20.07 8.93 0.10
CA TYR A 39 -18.65 9.14 0.38
C TYR A 39 -18.38 9.52 1.83
N THR A 40 -19.31 10.23 2.48
CA THR A 40 -19.12 10.65 3.86
C THR A 40 -20.15 9.97 4.75
N ARG A 41 -19.66 9.22 5.74
CA ARG A 41 -20.49 8.47 6.65
C ARG A 41 -20.40 9.08 8.05
N LEU A 42 -21.53 9.15 8.73
CA LEU A 42 -21.59 9.64 10.10
C LEU A 42 -21.55 8.43 11.03
N LEU A 43 -20.61 8.44 11.97
CA LEU A 43 -20.22 7.22 12.66
C LEU A 43 -21.00 6.96 13.95
N GLY A 44 -21.81 7.91 14.42
CA GLY A 44 -22.63 7.62 15.59
C GLY A 44 -21.81 7.24 16.82
N ARG A 45 -22.19 6.16 17.52
CA ARG A 45 -21.44 5.72 18.69
C ARG A 45 -20.45 4.62 18.34
N GLU A 46 -20.31 4.28 17.04
CA GLU A 46 -19.34 3.30 16.59
C GLU A 46 -17.90 3.73 16.91
N VAL A 47 -17.63 5.03 16.73
CA VAL A 47 -16.30 5.59 16.91
C VAL A 47 -16.43 6.76 17.86
N THR A 48 -15.66 6.73 18.95
CA THR A 48 -15.61 7.83 19.89
C THR A 48 -14.83 8.98 19.26
N PRO A 49 -15.40 10.21 19.17
CA PRO A 49 -14.66 11.33 18.58
C PRO A 49 -13.58 11.85 19.53
N THR A 50 -12.78 12.82 19.09
CA THR A 50 -11.76 13.38 19.96
C THR A 50 -12.39 13.81 21.26
N PRO A 51 -11.74 13.53 22.39
CA PRO A 51 -12.34 13.89 23.67
C PRO A 51 -12.26 15.37 24.00
N LEU A 52 -11.54 16.18 23.19
CA LEU A 52 -11.28 17.55 23.59
C LEU A 52 -12.56 18.34 23.82
N TRP A 53 -13.64 18.06 23.08
CA TRP A 53 -14.85 18.88 23.11
C TRP A 53 -15.99 18.15 23.82
N ASN A 54 -15.64 17.13 24.62
CA ASN A 54 -16.63 16.44 25.43
C ASN A 54 -17.25 17.35 26.49
N ASP A 55 -18.44 16.93 26.95
CA ASP A 55 -19.01 17.47 28.18
C ASP A 55 -18.70 16.47 29.28
N ARG A 56 -18.67 16.94 30.53
CA ARG A 56 -18.34 16.08 31.65
C ARG A 56 -19.56 15.97 32.57
N LEU A 57 -19.79 14.77 33.09
CA LEU A 57 -20.91 14.50 33.98
C LEU A 57 -20.45 14.62 35.43
N PHE A 58 -21.41 15.04 36.27
CA PHE A 58 -21.28 14.85 37.70
C PHE A 58 -22.46 13.98 38.15
N PRO A 59 -22.24 12.86 38.90
CA PRO A 59 -20.92 12.40 39.33
C PRO A 59 -20.08 11.83 38.18
N GLU A 60 -18.78 11.61 38.46
CA GLU A 60 -17.78 11.32 37.46
C GLU A 60 -17.58 9.81 37.34
N VAL A 61 -18.52 9.05 37.92
CA VAL A 61 -18.75 7.63 37.69
C VAL A 61 -20.27 7.45 37.73
N PRO A 62 -20.92 6.61 36.88
CA PRO A 62 -20.25 5.70 35.94
C PRO A 62 -19.61 6.36 34.71
N TYR A 63 -20.38 7.20 34.02
CA TYR A 63 -19.94 7.87 32.81
C TYR A 63 -19.24 9.19 33.18
N PRO A 64 -17.92 9.36 32.97
CA PRO A 64 -17.31 10.67 33.19
C PRO A 64 -17.68 11.70 32.13
N ALA A 65 -17.94 11.25 30.89
CA ALA A 65 -17.96 12.13 29.72
C ALA A 65 -19.16 11.84 28.82
N VAL A 66 -19.67 12.88 28.15
CA VAL A 66 -20.64 12.70 27.08
C VAL A 66 -20.09 13.36 25.81
N SER A 67 -20.15 12.62 24.70
CA SER A 67 -19.74 13.14 23.41
C SER A 67 -20.73 14.21 22.94
N THR A 68 -20.21 15.27 22.32
CA THR A 68 -21.01 16.40 21.85
C THR A 68 -21.05 16.46 20.34
N GLU A 69 -20.48 15.43 19.71
CA GLU A 69 -20.40 15.31 18.27
C GLU A 69 -20.28 13.84 17.90
N GLN A 70 -20.51 13.56 16.62
CA GLN A 70 -20.11 12.27 16.07
C GLN A 70 -19.02 12.48 15.03
N ALA A 71 -18.16 11.47 14.91
CA ALA A 71 -17.08 11.50 13.95
C ALA A 71 -17.64 11.28 12.54
N LEU A 72 -16.88 11.75 11.55
CA LEU A 72 -17.18 11.58 10.15
C LEU A 72 -16.14 10.67 9.51
N LEU A 73 -16.57 9.74 8.68
CA LEU A 73 -15.68 8.95 7.86
C LEU A 73 -15.78 9.50 6.44
N VAL A 74 -14.66 10.00 5.91
CA VAL A 74 -14.60 10.48 4.54
C VAL A 74 -13.88 9.43 3.70
N LEU A 75 -14.54 9.01 2.63
CA LEU A 75 -14.05 7.96 1.74
C LEU A 75 -13.82 8.55 0.35
N ILE A 76 -12.79 8.05 -0.32
CA ILE A 76 -12.64 8.17 -1.76
C ILE A 76 -12.57 6.77 -2.37
N GLY A 77 -13.04 6.67 -3.61
CA GLY A 77 -12.92 5.45 -4.38
C GLY A 77 -12.86 5.77 -5.87
N ASN A 78 -13.02 4.74 -6.70
CA ASN A 78 -12.77 4.97 -8.12
C ASN A 78 -13.77 5.96 -8.72
N SER A 79 -14.95 6.19 -8.11
CA SER A 79 -15.88 7.17 -8.67
C SER A 79 -15.61 8.60 -8.21
N SER A 80 -14.59 8.81 -7.35
CA SER A 80 -14.38 10.11 -6.72
C SER A 80 -13.67 11.10 -7.65
N VAL A 81 -14.27 11.32 -8.83
CA VAL A 81 -13.79 12.24 -9.84
C VAL A 81 -14.71 13.46 -9.83
N PHE A 82 -14.13 14.59 -9.48
CA PHE A 82 -14.88 15.84 -9.40
C PHE A 82 -14.98 16.46 -10.80
N THR A 83 -16.21 16.86 -11.17
CA THR A 83 -16.40 17.69 -12.35
C THR A 83 -16.67 19.14 -11.93
N PRO A 84 -15.82 20.13 -12.31
CA PRO A 84 -16.08 21.55 -12.00
C PRO A 84 -17.33 22.09 -12.68
N GLY A 85 -18.14 22.85 -11.94
CA GLY A 85 -19.37 23.40 -12.50
C GLY A 85 -20.26 22.28 -13.04
N SER A 86 -21.05 22.60 -14.07
CA SER A 86 -21.88 21.63 -14.80
C SER A 86 -21.12 20.99 -15.96
N SER A 87 -20.10 21.69 -16.46
CA SER A 87 -19.59 21.47 -17.80
C SER A 87 -18.07 21.29 -17.84
N GLY A 88 -17.39 21.29 -16.69
CA GLY A 88 -15.94 21.25 -16.69
C GLY A 88 -15.40 19.89 -17.10
N ARG A 89 -14.11 19.91 -17.41
CA ARG A 89 -13.38 18.68 -17.63
C ARG A 89 -13.25 17.94 -16.31
N PRO A 90 -13.65 16.66 -16.23
CA PRO A 90 -13.49 15.86 -15.00
C PRO A 90 -12.02 15.84 -14.53
N GLN A 91 -11.84 15.92 -13.21
CA GLN A 91 -10.52 15.93 -12.63
C GLN A 91 -10.02 14.50 -12.42
N THR A 92 -9.73 13.84 -13.55
CA THR A 92 -9.44 12.41 -13.59
C THR A 92 -8.12 12.07 -12.90
N GLY A 93 -7.25 13.07 -12.69
CA GLY A 93 -5.97 12.83 -12.03
C GLY A 93 -6.11 12.76 -10.50
N PHE A 94 -7.19 13.33 -9.97
CA PHE A 94 -7.41 13.38 -8.55
C PHE A 94 -8.44 12.34 -8.13
N ARG A 95 -8.40 11.92 -6.87
CA ARG A 95 -9.53 11.28 -6.22
C ARG A 95 -9.86 12.12 -5.00
N ARG A 96 -11.10 12.62 -4.92
CA ARG A 96 -11.36 13.57 -3.85
C ARG A 96 -12.80 13.50 -3.38
N THR A 97 -12.92 13.70 -2.07
CA THR A 97 -14.17 13.90 -1.37
C THR A 97 -13.89 14.96 -0.30
N GLU A 98 -14.54 16.13 -0.41
CA GLU A 98 -14.33 17.17 0.58
C GLU A 98 -15.66 17.72 1.07
N LEU A 99 -15.60 18.23 2.31
CA LEU A 99 -16.65 19.00 2.91
C LEU A 99 -16.12 20.42 3.04
N ILE A 100 -16.95 21.41 2.69
CA ILE A 100 -16.54 22.80 2.72
C ILE A 100 -17.41 23.57 3.71
N ALA A 101 -16.81 24.42 4.53
CA ALA A 101 -17.58 25.20 5.49
C ALA A 101 -18.53 26.17 4.80
N GLN A 102 -19.78 26.21 5.28
CA GLN A 102 -20.76 27.18 4.79
C GLN A 102 -21.59 27.66 5.97
N VAL A 103 -22.24 28.82 5.78
CA VAL A 103 -23.29 29.30 6.66
C VAL A 103 -24.45 29.79 5.80
N ASN A 104 -25.67 29.49 6.24
CA ASN A 104 -26.88 29.82 5.49
C ASN A 104 -26.79 29.28 4.07
N GLY A 105 -26.22 28.09 3.91
CA GLY A 105 -26.14 27.45 2.61
C GLY A 105 -25.13 28.09 1.67
N SER A 106 -24.18 28.88 2.22
CA SER A 106 -23.31 29.72 1.42
C SER A 106 -21.86 29.68 1.92
N ASN A 107 -20.94 29.21 1.08
CA ASN A 107 -19.52 29.41 1.35
C ASN A 107 -19.12 30.87 1.19
N ILE A 108 -19.77 31.60 0.27
CA ILE A 108 -19.41 32.98 -0.05
C ILE A 108 -19.56 33.86 1.18
N ASP A 109 -20.68 33.71 1.89
CA ASP A 109 -20.99 34.55 3.03
C ASP A 109 -19.99 34.32 4.16
N LEU A 110 -19.38 33.13 4.21
CA LEU A 110 -18.46 32.80 5.29
C LEU A 110 -17.07 33.41 5.04
N ILE A 111 -16.73 33.75 3.79
CA ILE A 111 -15.38 34.17 3.46
C ILE A 111 -14.94 35.33 4.37
N PRO A 112 -15.69 36.45 4.49
CA PRO A 112 -15.20 37.60 5.24
C PRO A 112 -15.11 37.30 6.73
N ILE A 113 -16.00 36.43 7.23
CA ILE A 113 -16.04 36.04 8.63
C ILE A 113 -14.79 35.27 9.03
N ILE A 114 -14.47 34.19 8.31
CA ILE A 114 -13.31 33.39 8.67
C ILE A 114 -12.02 33.99 8.11
N GLY A 115 -12.12 35.12 7.41
CA GLY A 115 -11.00 35.70 6.70
C GLY A 115 -10.60 37.09 7.22
N LYS A 116 -10.99 37.42 8.45
CA LYS A 116 -10.60 38.69 9.04
C LYS A 116 -9.96 38.47 10.41
N GLY A 117 -8.93 39.27 10.71
CA GLY A 117 -8.33 39.26 12.02
C GLY A 117 -7.57 37.95 12.24
N ARG A 118 -7.58 37.46 13.48
CA ARG A 118 -6.93 36.20 13.83
C ARG A 118 -8.03 35.15 14.00
N VAL A 119 -7.82 34.00 13.31
CA VAL A 119 -8.82 32.94 13.24
C VAL A 119 -8.10 31.62 13.46
N ALA A 120 -8.68 30.77 14.32
CA ALA A 120 -8.11 29.45 14.58
C ALA A 120 -8.96 28.41 13.87
N PHE A 121 -8.28 27.60 13.04
CA PHE A 121 -8.87 26.50 12.29
C PHE A 121 -8.53 25.20 13.01
N HIS A 122 -9.56 24.57 13.58
CA HIS A 122 -9.43 23.35 14.35
C HIS A 122 -9.82 22.16 13.50
N PHE A 123 -9.14 21.01 13.73
CA PHE A 123 -9.47 19.77 13.07
C PHE A 123 -8.70 18.64 13.76
N SER A 124 -9.37 17.51 13.96
CA SER A 124 -8.73 16.30 14.45
C SER A 124 -8.94 15.16 13.45
N VAL A 125 -7.92 14.28 13.34
CA VAL A 125 -7.99 13.15 12.42
C VAL A 125 -7.62 11.86 13.15
N LEU A 126 -8.24 10.77 12.66
CA LEU A 126 -8.04 9.43 13.14
C LEU A 126 -7.91 8.51 11.93
N MET A 127 -6.89 7.65 11.94
CA MET A 127 -6.64 6.73 10.85
C MET A 127 -7.77 5.71 10.71
N ASP A 128 -8.23 5.50 9.48
CA ASP A 128 -9.23 4.49 9.17
C ASP A 128 -8.54 3.16 8.92
N GLU A 129 -8.78 2.18 9.82
CA GLU A 129 -8.11 0.89 9.74
C GLU A 129 -8.75 0.00 8.67
N TRP A 130 -9.98 0.35 8.25
CA TRP A 130 -10.75 -0.51 7.37
C TRP A 130 -10.56 -0.17 5.89
N HIS A 131 -10.06 1.05 5.59
CA HIS A 131 -9.77 1.42 4.21
C HIS A 131 -8.49 2.25 4.18
N LYS A 132 -7.35 1.57 4.24
CA LYS A 132 -6.10 2.24 4.57
C LYS A 132 -5.69 3.21 3.46
N LEU A 133 -5.24 4.40 3.87
CA LEU A 133 -4.59 5.32 2.96
C LEU A 133 -3.30 4.70 2.44
N ASP A 134 -3.02 4.94 1.16
CA ASP A 134 -1.80 4.52 0.53
C ASP A 134 -0.77 5.65 0.57
N MET A 135 0.23 5.55 1.43
CA MET A 135 1.18 6.63 1.65
C MET A 135 2.19 6.75 0.52
N ILE A 136 2.07 5.90 -0.51
CA ILE A 136 2.80 6.12 -1.75
C ILE A 136 2.36 7.42 -2.45
N HIS A 137 1.09 7.79 -2.26
CA HIS A 137 0.50 9.00 -2.82
C HIS A 137 0.43 10.14 -1.81
N GLU A 138 0.35 11.34 -2.37
CA GLU A 138 0.13 12.55 -1.59
C GLU A 138 -1.36 12.74 -1.38
N HIS A 139 -1.70 13.11 -0.14
CA HIS A 139 -3.07 13.45 0.22
C HIS A 139 -3.09 14.82 0.88
N GLN A 140 -3.93 15.71 0.34
CA GLN A 140 -4.21 17.00 0.95
C GLN A 140 -5.54 16.84 1.68
N LEU A 141 -5.47 16.97 3.00
CA LEU A 141 -6.59 16.60 3.88
C LEU A 141 -7.41 17.82 4.28
N VAL A 142 -6.72 18.89 4.68
CA VAL A 142 -7.37 20.09 5.20
C VAL A 142 -6.65 21.27 4.59
N PHE A 143 -7.40 22.28 4.14
CA PHE A 143 -6.79 23.48 3.62
C PHE A 143 -7.80 24.62 3.55
N VAL A 144 -7.28 25.84 3.51
CA VAL A 144 -8.03 27.04 3.13
C VAL A 144 -7.56 27.45 1.73
N ALA A 145 -8.50 27.44 0.77
CA ALA A 145 -8.16 27.67 -0.63
C ALA A 145 -8.75 28.99 -1.14
N PRO A 146 -7.88 29.97 -1.49
CA PRO A 146 -8.31 31.14 -2.26
C PRO A 146 -8.79 30.73 -3.65
N SER A 147 -9.31 31.72 -4.37
CA SER A 147 -9.91 31.48 -5.67
C SER A 147 -8.90 30.90 -6.66
N ASP A 148 -7.60 31.14 -6.45
CA ASP A 148 -6.58 30.68 -7.37
C ASP A 148 -6.24 29.20 -7.15
N GLY A 149 -6.83 28.56 -6.14
CA GLY A 149 -6.60 27.14 -5.89
C GLY A 149 -5.37 26.84 -5.04
N SER A 150 -4.61 27.86 -4.67
CA SER A 150 -3.53 27.74 -3.70
C SER A 150 -4.13 27.39 -2.33
N HIS A 151 -3.27 27.08 -1.36
CA HIS A 151 -3.70 26.72 -0.02
C HIS A 151 -2.95 27.58 1.00
N VAL A 152 -3.66 28.42 1.76
CA VAL A 152 -3.04 29.26 2.76
C VAL A 152 -2.23 28.42 3.75
N PHE A 153 -2.78 27.26 4.14
CA PHE A 153 -2.07 26.19 4.80
C PHE A 153 -2.71 24.90 4.34
N THR A 154 -2.00 23.79 4.56
CA THR A 154 -2.45 22.46 4.19
C THR A 154 -2.05 21.47 5.28
N LEU A 155 -2.97 20.58 5.66
CA LEU A 155 -2.59 19.35 6.35
C LEU A 155 -2.45 18.30 5.28
N GLN A 156 -1.25 17.71 5.19
CA GLN A 156 -0.87 16.72 4.17
C GLN A 156 -0.48 15.42 4.83
N VAL A 157 -0.67 14.30 4.14
CA VAL A 157 -0.05 13.05 4.54
C VAL A 157 0.23 12.25 3.27
N GLY A 158 1.26 11.39 3.35
CA GLY A 158 1.67 10.59 2.20
C GLY A 158 2.85 11.24 1.46
N SER A 159 3.46 10.47 0.56
CA SER A 159 4.65 10.90 -0.13
C SER A 159 4.29 12.02 -1.08
N PRO A 160 4.91 13.21 -0.96
CA PRO A 160 4.65 14.30 -1.90
C PRO A 160 4.81 13.88 -3.36
N PHE A 161 3.87 14.33 -4.19
CA PHE A 161 3.91 14.08 -5.63
C PHE A 161 5.16 14.73 -6.21
N THR A 162 5.89 14.00 -7.06
CA THR A 162 6.97 14.61 -7.81
C THR A 162 6.94 14.07 -9.24
N ASN A 163 7.39 14.93 -10.16
CA ASN A 163 7.61 14.57 -11.55
C ASN A 163 9.02 15.00 -11.91
N PRO A 164 9.95 14.06 -12.22
CA PRO A 164 9.66 12.62 -12.25
C PRO A 164 9.48 11.95 -10.90
N THR A 165 8.92 10.75 -10.94
CA THR A 165 8.79 9.92 -9.75
C THR A 165 10.17 9.69 -9.13
N GLY A 166 10.23 9.80 -7.80
CA GLY A 166 11.42 9.53 -7.02
C GLY A 166 11.22 8.29 -6.15
N PRO A 167 12.13 8.03 -5.18
CA PRO A 167 12.02 6.86 -4.32
C PRO A 167 10.72 6.99 -3.53
N LEU A 168 9.97 5.89 -3.46
CA LEU A 168 8.69 5.85 -2.75
C LEU A 168 8.58 4.58 -1.94
N PRO A 169 8.04 4.63 -0.71
CA PRO A 169 7.56 5.88 -0.11
C PRO A 169 8.69 6.81 0.33
N ALA A 170 8.37 8.11 0.41
CA ALA A 170 9.29 9.12 0.92
C ALA A 170 9.55 8.89 2.39
N PRO A 171 10.69 9.37 2.94
CA PRO A 171 10.87 9.37 4.38
C PRO A 171 9.71 10.08 5.08
N ARG A 172 9.18 9.45 6.14
CA ARG A 172 8.10 10.02 6.93
C ARG A 172 6.86 10.27 6.06
N ALA A 173 6.65 9.44 5.05
CA ALA A 173 5.44 9.52 4.24
C ALA A 173 4.21 9.43 5.13
N ASP A 174 4.26 8.63 6.20
CA ASP A 174 3.09 8.44 7.05
C ASP A 174 3.09 9.42 8.22
N TRP A 175 3.82 10.53 8.09
CA TRP A 175 3.71 11.65 9.03
C TRP A 175 2.75 12.70 8.46
N LEU A 176 1.79 13.09 9.31
CA LEU A 176 1.00 14.29 9.08
C LEU A 176 1.91 15.51 9.05
N LYS A 177 1.66 16.43 8.10
CA LYS A 177 2.48 17.62 7.95
C LYS A 177 1.57 18.83 7.77
N ILE A 178 1.90 19.90 8.49
CA ILE A 178 1.29 21.18 8.21
C ILE A 178 2.24 21.98 7.32
N LEU A 179 1.71 22.47 6.18
CA LEU A 179 2.46 23.28 5.23
C LEU A 179 1.94 24.72 5.21
N ASN A 180 2.84 25.63 4.90
CA ASN A 180 2.46 27.01 4.62
C ASN A 180 2.07 27.11 3.15
N HIS A 181 1.73 28.33 2.73
CA HIS A 181 1.24 28.57 1.37
C HIS A 181 2.31 28.27 0.31
N ASN A 182 3.57 28.37 0.70
CA ASN A 182 4.73 28.06 -0.13
C ASN A 182 5.14 26.58 -0.10
N LEU A 183 4.35 25.76 0.62
CA LEU A 183 4.59 24.33 0.78
C LEU A 183 5.77 24.00 1.68
N ASP A 184 6.26 24.96 2.46
CA ASP A 184 7.27 24.63 3.47
C ASP A 184 6.63 23.80 4.57
N VAL A 185 7.34 22.78 5.03
CA VAL A 185 6.89 21.97 6.14
C VAL A 185 7.11 22.73 7.43
N LEU A 186 6.03 23.05 8.13
CA LEU A 186 6.12 23.79 9.37
C LEU A 186 6.23 22.87 10.58
N PHE A 187 5.53 21.75 10.52
CA PHE A 187 5.39 20.81 11.61
C PHE A 187 5.04 19.46 11.03
N GLU A 188 5.59 18.37 11.57
CA GLU A 188 5.23 17.03 11.11
C GLU A 188 5.27 16.08 12.31
N THR A 189 4.38 15.09 12.28
CA THR A 189 4.27 14.15 13.38
C THR A 189 3.70 12.85 12.83
N GLU A 190 4.11 11.71 13.41
CA GLU A 190 3.72 10.43 12.84
C GLU A 190 2.20 10.27 12.92
N PHE A 191 1.58 9.77 11.84
CA PHE A 191 0.16 9.46 11.87
C PHE A 191 -0.05 8.09 12.53
N THR A 192 0.13 8.08 13.85
CA THR A 192 -0.03 6.85 14.61
C THR A 192 -1.50 6.45 14.58
N ASP A 193 -1.75 5.13 14.59
CA ASP A 193 -3.10 4.61 14.56
C ASP A 193 -3.78 4.75 15.94
N GLU A 194 -5.10 4.60 15.94
CA GLU A 194 -5.91 4.54 17.15
C GLU A 194 -5.70 5.76 18.04
N THR A 195 -5.42 6.90 17.40
CA THR A 195 -5.10 8.14 18.08
C THR A 195 -5.80 9.30 17.37
N TRP A 196 -6.47 10.15 18.14
CA TRP A 196 -6.95 11.42 17.61
C TRP A 196 -5.81 12.40 17.61
N HIS A 197 -5.48 12.87 16.40
CA HIS A 197 -4.45 13.87 16.17
C HIS A 197 -5.16 15.21 16.05
N ASN A 198 -5.04 16.00 17.09
CA ASN A 198 -5.75 17.28 17.22
C ASN A 198 -4.84 18.40 16.73
N PHE A 199 -5.40 19.32 15.91
CA PHE A 199 -4.67 20.47 15.40
C PHE A 199 -5.48 21.75 15.58
N ALA A 200 -4.75 22.86 15.73
CA ALA A 200 -5.30 24.15 15.39
C ALA A 200 -4.21 24.91 14.65
N VAL A 201 -4.64 25.61 13.59
CA VAL A 201 -3.79 26.52 12.85
C VAL A 201 -4.38 27.91 13.01
N ILE A 202 -3.62 28.82 13.63
CA ILE A 202 -4.03 30.21 13.74
C ILE A 202 -3.51 30.93 12.52
N VAL A 203 -4.45 31.49 11.75
CA VAL A 203 -4.14 32.39 10.67
C VAL A 203 -4.37 33.82 11.17
N ASP A 204 -3.33 34.66 11.05
CA ASP A 204 -3.51 36.09 11.29
C ASP A 204 -3.61 36.69 9.90
N TRP A 205 -4.84 37.02 9.50
CA TRP A 205 -5.12 37.53 8.16
C TRP A 205 -4.54 38.93 7.96
N GLU A 206 -4.30 39.68 9.05
CA GLU A 206 -3.74 41.01 8.91
C GLU A 206 -2.24 40.94 8.65
N LYS A 207 -1.53 40.08 9.40
CA LYS A 207 -0.09 40.04 9.36
C LYS A 207 0.41 38.91 8.46
N ARG A 208 -0.51 38.09 7.93
CA ARG A 208 -0.21 36.93 7.11
C ARG A 208 0.82 36.04 7.81
N THR A 209 0.43 35.56 8.99
CA THR A 209 1.20 34.58 9.75
C THR A 209 0.38 33.31 9.95
N LEU A 210 1.11 32.25 10.33
CA LEU A 210 0.56 30.98 10.76
C LEU A 210 1.19 30.56 12.07
N GLN A 211 0.41 29.87 12.89
CA GLN A 211 0.96 29.18 14.05
C GLN A 211 0.24 27.86 14.25
N VAL A 212 1.02 26.81 14.46
CA VAL A 212 0.47 25.47 14.61
C VAL A 212 0.43 25.04 16.08
N TRP A 213 -0.71 24.46 16.44
CA TRP A 213 -0.96 23.84 17.73
C TRP A 213 -1.36 22.38 17.51
N TYR A 214 -0.91 21.48 18.40
CA TYR A 214 -1.13 20.07 18.22
C TYR A 214 -1.18 19.34 19.57
N SER A 215 -1.99 18.27 19.60
CA SER A 215 -1.94 17.31 20.71
C SER A 215 -2.54 15.99 20.25
N GLN A 216 -2.47 15.00 21.14
CA GLN A 216 -3.10 13.71 20.92
C GLN A 216 -4.19 13.44 21.95
N ASN A 217 -5.29 12.84 21.50
CA ASN A 217 -6.32 12.33 22.36
C ASN A 217 -6.82 13.43 23.29
N GLU A 218 -6.84 13.18 24.60
CA GLU A 218 -7.43 14.10 25.57
C GLU A 218 -6.48 15.21 26.01
N ASN A 219 -5.26 15.28 25.50
CA ASN A 219 -4.29 16.25 25.93
C ASN A 219 -4.59 17.60 25.32
N ASN A 220 -4.47 18.67 26.10
CA ASN A 220 -4.72 19.99 25.57
C ASN A 220 -3.76 20.32 24.44
N LEU A 221 -4.24 21.08 23.46
CA LEU A 221 -3.38 21.60 22.41
C LEU A 221 -2.20 22.37 23.02
N VAL A 222 -1.01 22.18 22.43
CA VAL A 222 0.18 22.94 22.78
C VAL A 222 0.73 23.55 21.49
N TRP A 223 1.43 24.68 21.61
CA TRP A 223 2.01 25.30 20.43
C TRP A 223 3.23 24.51 19.98
N VAL A 224 3.30 24.21 18.68
CA VAL A 224 4.41 23.45 18.13
C VAL A 224 5.19 24.22 17.07
N THR A 225 4.75 25.45 16.75
CA THR A 225 5.58 26.37 16.00
C THR A 225 5.47 27.72 16.69
N PRO A 226 6.44 28.63 16.47
CA PRO A 226 6.20 30.04 16.76
C PRO A 226 5.20 30.61 15.77
N VAL A 227 4.92 31.90 15.90
CA VAL A 227 4.18 32.64 14.89
C VAL A 227 5.09 32.84 13.69
N LEU A 228 4.68 32.32 12.54
CA LEU A 228 5.55 32.23 11.38
C LEU A 228 5.02 33.09 10.26
N PRO A 229 5.89 33.80 9.50
CA PRO A 229 5.44 34.54 8.34
C PRO A 229 4.99 33.58 7.25
N ASN A 230 3.96 33.99 6.51
CA ASN A 230 3.35 33.23 5.44
C ASN A 230 3.12 34.17 4.26
N GLU A 231 4.20 34.81 3.80
CA GLU A 231 4.11 36.03 3.01
C GLU A 231 3.88 35.76 1.52
N THR A 232 3.84 34.49 1.08
CA THR A 232 3.49 34.22 -0.31
C THR A 232 1.98 34.33 -0.54
N VAL A 233 1.16 34.39 0.52
CA VAL A 233 -0.28 34.58 0.41
C VAL A 233 -0.51 35.95 -0.23
N LYS A 234 -1.49 36.03 -1.13
CA LYS A 234 -1.76 37.28 -1.82
C LYS A 234 -2.42 38.27 -0.86
N ARG A 235 -2.24 39.56 -1.17
CA ARG A 235 -2.82 40.64 -0.42
C ARG A 235 -4.32 40.70 -0.68
N GLY A 236 -5.06 41.20 0.31
CA GLY A 236 -6.47 41.51 0.16
C GLY A 236 -7.32 40.26 -0.02
N THR A 237 -8.39 40.38 -0.82
CA THR A 237 -9.41 39.35 -0.91
C THR A 237 -8.86 38.11 -1.60
N ALA A 238 -7.81 38.27 -2.41
CA ALA A 238 -7.24 37.19 -3.20
C ALA A 238 -6.48 36.21 -2.31
N GLY A 239 -6.28 36.59 -1.04
CA GLY A 239 -5.59 35.74 -0.08
C GLY A 239 -6.54 34.95 0.80
N ARG A 240 -7.84 35.26 0.74
CA ARG A 240 -8.86 34.60 1.54
C ARG A 240 -9.51 33.50 0.69
N GLY A 241 -10.22 32.59 1.35
CA GLY A 241 -10.90 31.55 0.61
C GLY A 241 -11.63 30.57 1.53
N ASP A 242 -11.97 29.42 0.97
CA ASP A 242 -12.88 28.46 1.57
C ASP A 242 -12.12 27.41 2.38
N PHE A 243 -12.78 26.95 3.45
CA PHE A 243 -12.22 25.90 4.29
C PHE A 243 -12.71 24.54 3.79
N HIS A 244 -11.76 23.67 3.44
CA HIS A 244 -12.01 22.30 2.96
C HIS A 244 -11.45 21.28 3.94
N PHE A 245 -12.19 20.19 4.16
CA PHE A 245 -11.60 19.05 4.82
C PHE A 245 -12.16 17.77 4.20
N GLY A 246 -11.31 16.74 4.10
CA GLY A 246 -11.67 15.48 3.51
C GLY A 246 -10.41 14.79 3.02
N ILE A 247 -10.47 14.34 1.76
CA ILE A 247 -9.31 13.71 1.13
C ILE A 247 -9.24 14.23 -0.30
N LEU A 248 -8.09 14.81 -0.64
CA LEU A 248 -7.72 15.10 -2.02
C LEU A 248 -6.44 14.33 -2.31
N LYS A 249 -6.60 13.24 -3.07
CA LYS A 249 -5.49 12.35 -3.37
C LYS A 249 -4.92 12.68 -4.75
N LEU A 250 -3.61 12.98 -4.79
CA LEU A 250 -2.91 13.21 -6.04
C LEU A 250 -2.51 11.87 -6.62
N PRO A 251 -2.22 11.85 -7.94
CA PRO A 251 -1.78 10.63 -8.62
C PRO A 251 -0.28 10.42 -8.51
N LEU A 252 0.22 9.36 -9.17
CA LEU A 252 1.63 9.28 -9.51
C LEU A 252 1.78 9.55 -11.00
N VAL A 253 2.97 9.98 -11.42
CA VAL A 253 3.22 10.14 -12.84
C VAL A 253 3.03 8.81 -13.56
N ASN A 254 2.34 8.87 -14.69
CA ASN A 254 2.30 7.78 -15.66
C ASN A 254 3.25 8.12 -16.81
N VAL A 255 4.37 7.40 -16.90
CA VAL A 255 5.35 7.66 -17.96
C VAL A 255 4.76 7.38 -19.34
N ALA A 256 3.64 6.64 -19.41
CA ALA A 256 2.95 6.43 -20.68
C ALA A 256 2.38 7.75 -21.20
N ASP A 257 2.08 8.70 -20.31
CA ASP A 257 1.56 9.99 -20.73
C ASP A 257 2.69 10.79 -21.36
N PRO A 258 2.40 11.71 -22.29
CA PRO A 258 3.44 12.57 -22.83
C PRO A 258 4.03 13.45 -21.75
N PRO A 259 5.35 13.76 -21.81
CA PRO A 259 5.98 14.67 -20.86
C PRO A 259 5.22 15.96 -20.62
N GLU A 260 4.52 16.45 -21.66
CA GLU A 260 3.91 17.77 -21.65
C GLU A 260 2.68 17.84 -20.74
N VAL A 261 2.15 16.68 -20.32
CA VAL A 261 0.95 16.68 -19.47
C VAL A 261 1.22 16.06 -18.09
N ARG A 262 2.44 15.58 -17.81
CA ARG A 262 2.66 14.81 -16.59
C ARG A 262 2.54 15.69 -15.35
N ASP A 263 2.78 17.00 -15.48
CA ASP A 263 2.67 17.89 -14.34
C ASP A 263 1.21 18.21 -14.05
N ASP A 264 0.30 17.97 -14.99
CA ASP A 264 -1.10 18.31 -14.81
C ASP A 264 -1.80 17.19 -14.07
N VAL A 265 -1.57 17.16 -12.75
CA VAL A 265 -2.11 16.17 -11.85
C VAL A 265 -3.63 16.26 -11.74
N VAL A 266 -4.24 17.38 -12.14
CA VAL A 266 -5.68 17.49 -12.11
C VAL A 266 -6.30 16.47 -13.06
N HIS A 267 -5.64 16.22 -14.19
CA HIS A 267 -6.21 15.40 -15.26
C HIS A 267 -5.42 14.13 -15.59
N TYR A 268 -4.15 14.04 -15.20
CA TYR A 268 -3.30 12.94 -15.64
C TYR A 268 -2.61 12.30 -14.45
N GLY A 269 -2.36 11.00 -14.57
CA GLY A 269 -1.57 10.27 -13.61
C GLY A 269 -2.27 8.98 -13.18
N ILE A 270 -1.49 8.13 -12.53
CA ILE A 270 -1.98 6.85 -12.06
C ILE A 270 -2.79 7.02 -10.79
N GLN A 271 -4.00 6.49 -10.84
CA GLN A 271 -4.88 6.38 -9.70
C GLN A 271 -5.45 4.96 -9.68
N PRO A 272 -5.09 4.12 -8.69
CA PRO A 272 -5.71 2.82 -8.61
C PRO A 272 -7.18 2.94 -8.24
N PRO A 273 -8.00 1.96 -8.66
CA PRO A 273 -9.41 1.91 -8.33
C PRO A 273 -9.61 1.27 -6.96
N THR A 274 -9.12 1.94 -5.92
CA THR A 274 -9.21 1.45 -4.57
C THR A 274 -9.88 2.50 -3.68
N THR A 275 -10.44 2.01 -2.58
CA THR A 275 -11.16 2.83 -1.61
C THR A 275 -10.24 3.12 -0.42
N HIS A 276 -10.32 4.37 0.06
CA HIS A 276 -9.48 4.84 1.14
C HIS A 276 -10.31 5.79 2.00
N GLY A 277 -10.02 5.82 3.29
CA GLY A 277 -10.74 6.66 4.22
C GLY A 277 -9.85 7.33 5.24
N ILE A 278 -10.43 8.35 5.89
CA ILE A 278 -9.88 8.99 7.07
C ILE A 278 -11.06 9.44 7.92
N MET A 279 -10.86 9.56 9.23
CA MET A 279 -11.93 9.98 10.11
C MET A 279 -11.62 11.35 10.71
N TYR A 280 -12.67 12.18 10.80
CA TYR A 280 -12.61 13.55 11.30
C TYR A 280 -13.51 13.70 12.51
N SER A 281 -13.03 14.54 13.43
CA SER A 281 -13.85 15.13 14.47
C SER A 281 -13.23 16.44 14.91
N GLY A 282 -13.96 17.24 15.69
CA GLY A 282 -13.38 18.43 16.27
C GLY A 282 -13.04 19.51 15.23
N VAL A 283 -13.77 19.51 14.11
CA VAL A 283 -13.51 20.46 13.04
C VAL A 283 -14.38 21.70 13.24
N PHE A 284 -13.74 22.84 13.52
CA PHE A 284 -14.48 24.07 13.74
C PHE A 284 -13.52 25.24 13.62
N ILE A 285 -14.09 26.46 13.56
CA ILE A 285 -13.33 27.69 13.35
C ILE A 285 -13.80 28.70 14.40
N GLU A 286 -12.84 29.30 15.11
CA GLU A 286 -13.15 30.29 16.14
C GLU A 286 -12.26 31.52 15.94
N ASP A 287 -12.69 32.67 16.47
CA ASP A 287 -11.77 33.78 16.66
C ASP A 287 -10.95 33.56 17.93
N LEU A 288 -10.11 34.55 18.29
CA LEU A 288 -9.23 34.41 19.45
C LEU A 288 -9.65 35.35 20.58
N GLU A 289 -10.95 35.73 20.65
CA GLU A 289 -11.47 36.42 21.83
C GLU A 289 -11.17 35.59 23.09
N ASP A 290 -10.53 36.23 24.07
CA ASP A 290 -10.11 35.68 25.36
C ASP A 290 -8.94 34.71 25.16
N GLY A 291 -9.04 33.84 24.15
CA GLY A 291 -7.93 32.99 23.81
C GLY A 291 -8.35 31.87 22.87
N LEU A 292 -7.41 30.95 22.68
CA LEU A 292 -7.60 29.78 21.84
C LEU A 292 -8.23 28.70 22.71
N SER A 293 -9.23 28.01 22.17
CA SER A 293 -9.77 26.81 22.81
C SER A 293 -8.75 25.69 22.68
N VAL A 294 -8.18 25.23 23.80
CA VAL A 294 -7.16 24.19 23.74
C VAL A 294 -7.71 22.81 24.10
N GLY A 295 -9.00 22.71 24.40
CA GLY A 295 -9.61 21.47 24.84
C GLY A 295 -9.93 21.45 26.33
N ASN A 296 -10.81 20.51 26.69
CA ASN A 296 -11.08 20.22 28.09
C ASN A 296 -11.63 21.47 28.80
N LYS A 297 -12.37 22.31 28.08
CA LYS A 297 -12.99 23.51 28.63
C LYS A 297 -11.94 24.51 29.13
N PHE A 298 -10.77 24.56 28.49
CA PHE A 298 -9.76 25.55 28.80
C PHE A 298 -9.54 26.48 27.61
N ILE A 299 -9.29 27.75 27.91
CA ILE A 299 -8.80 28.70 26.94
C ILE A 299 -7.37 29.12 27.29
N GLN A 300 -6.58 29.44 26.26
CA GLN A 300 -5.22 29.90 26.45
C GLN A 300 -5.00 31.19 25.68
N GLU A 301 -4.51 32.24 26.37
CA GLU A 301 -4.21 33.49 25.70
C GLU A 301 -3.10 33.33 24.67
N VAL A 302 -3.27 33.99 23.52
CA VAL A 302 -2.34 33.89 22.41
C VAL A 302 -1.84 35.29 22.04
N ALA A 303 -0.51 35.44 21.95
CA ALA A 303 0.13 36.68 21.53
C ALA A 303 0.17 36.78 20.00
N GLY B 2 15.94 -36.89 -0.37
CA GLY B 2 16.10 -37.31 -1.77
C GLY B 2 17.40 -36.80 -2.37
N LYS B 3 17.68 -37.23 -3.59
CA LYS B 3 18.83 -36.73 -4.33
C LYS B 3 18.50 -35.33 -4.85
N VAL B 4 19.46 -34.42 -4.73
CA VAL B 4 19.24 -33.08 -5.25
C VAL B 4 19.35 -33.13 -6.76
N LEU B 5 18.31 -32.67 -7.44
CA LEU B 5 18.28 -32.64 -8.90
C LEU B 5 18.77 -31.29 -9.43
N TRP B 6 18.49 -30.23 -8.65
CA TRP B 6 18.90 -28.87 -8.99
C TRP B 6 18.96 -28.07 -7.71
N ASP B 7 20.04 -27.32 -7.50
CA ASP B 7 20.22 -26.60 -6.25
C ASP B 7 20.25 -25.10 -6.53
N GLY B 8 19.20 -24.41 -6.12
CA GLY B 8 19.14 -22.97 -6.24
C GLY B 8 19.44 -22.25 -4.93
N ARG B 9 20.04 -22.96 -3.96
CA ARG B 9 20.50 -22.32 -2.73
C ARG B 9 21.80 -21.59 -3.04
N ALA B 10 21.75 -20.26 -3.07
CA ALA B 10 22.87 -19.51 -3.61
C ALA B 10 24.12 -19.78 -2.79
N PRO B 11 25.24 -20.24 -3.42
CA PRO B 11 26.47 -20.43 -2.66
C PRO B 11 26.91 -19.15 -1.97
N ARG B 12 27.64 -19.29 -0.86
CA ARG B 12 28.13 -18.12 -0.14
C ARG B 12 29.09 -17.33 -1.02
N ASN B 13 29.75 -17.99 -1.97
CA ASN B 13 30.69 -17.31 -2.85
C ASN B 13 30.06 -16.82 -4.15
N TYR B 14 28.73 -16.96 -4.34
CA TYR B 14 28.08 -16.48 -5.55
C TYR B 14 28.08 -14.96 -5.57
N THR B 15 28.14 -14.38 -6.78
CA THR B 15 28.26 -12.94 -6.93
C THR B 15 27.31 -12.40 -8.01
N SER B 16 27.20 -11.07 -8.01
CA SER B 16 26.49 -10.33 -9.04
C SER B 16 26.98 -10.69 -10.45
N PHE B 17 28.30 -10.96 -10.55
CA PHE B 17 28.90 -11.29 -11.82
C PHE B 17 28.41 -12.64 -12.35
N HIS B 18 28.11 -13.57 -11.45
CA HIS B 18 27.52 -14.82 -11.88
C HIS B 18 26.12 -14.55 -12.45
N LEU B 19 25.32 -13.75 -11.74
CA LEU B 19 23.95 -13.49 -12.16
C LEU B 19 23.93 -12.79 -13.52
N ASP B 20 24.88 -11.88 -13.72
CA ASP B 20 24.96 -11.13 -14.96
C ASP B 20 25.44 -12.02 -16.10
N ALA B 21 26.13 -13.12 -15.79
CA ALA B 21 26.52 -14.09 -16.81
C ALA B 21 25.44 -15.14 -17.05
N SER B 22 24.37 -15.15 -16.25
CA SER B 22 23.29 -16.12 -16.37
C SER B 22 23.83 -17.54 -16.36
N VAL B 23 24.70 -17.84 -15.39
CA VAL B 23 25.30 -19.16 -15.29
C VAL B 23 24.57 -19.96 -14.24
N ASP B 24 24.89 -21.26 -14.20
CA ASP B 24 24.26 -22.14 -13.25
C ASP B 24 24.38 -21.55 -11.86
N PRO B 25 23.37 -21.71 -10.98
CA PRO B 25 22.15 -22.44 -11.28
C PRO B 25 20.94 -21.70 -11.84
N TYR B 26 21.12 -20.43 -12.27
CA TYR B 26 19.97 -19.59 -12.58
C TYR B 26 20.04 -19.01 -13.99
N LEU B 27 18.97 -19.25 -14.76
CA LEU B 27 18.69 -18.49 -15.97
C LEU B 27 18.07 -17.16 -15.54
N THR B 28 18.65 -16.03 -15.96
CA THR B 28 18.27 -14.72 -15.43
C THR B 28 17.56 -13.83 -16.45
N VAL B 29 17.08 -14.38 -17.57
CA VAL B 29 16.62 -13.57 -18.68
C VAL B 29 15.26 -12.92 -18.41
N VAL B 30 14.43 -13.49 -17.53
CA VAL B 30 13.09 -12.96 -17.30
C VAL B 30 13.15 -11.79 -16.31
N LYS B 31 13.29 -10.60 -16.90
CA LYS B 31 13.52 -9.36 -16.18
C LYS B 31 13.41 -8.21 -17.18
N GLY B 32 13.44 -6.99 -16.66
CA GLY B 32 13.55 -5.81 -17.50
C GLY B 32 14.93 -5.69 -18.12
N PRO B 33 15.18 -4.59 -18.83
CA PRO B 33 16.39 -4.49 -19.62
C PRO B 33 17.67 -4.29 -18.82
N ARG B 34 17.58 -3.93 -17.55
CA ARG B 34 18.79 -3.71 -16.77
C ARG B 34 19.46 -5.06 -16.46
N ALA B 35 20.71 -5.02 -16.00
CA ALA B 35 21.46 -6.24 -15.71
C ALA B 35 20.74 -7.04 -14.64
N ALA B 36 20.92 -8.37 -14.65
CA ALA B 36 20.23 -9.22 -13.69
C ALA B 36 20.53 -8.77 -12.26
N SER B 37 21.79 -8.41 -12.00
CA SER B 37 22.24 -8.03 -10.66
C SER B 37 21.61 -6.72 -10.18
N ILE B 38 20.98 -5.96 -11.06
CA ILE B 38 20.25 -4.77 -10.63
C ILE B 38 18.96 -5.20 -9.91
N TYR B 39 18.30 -6.25 -10.43
CA TYR B 39 17.03 -6.69 -9.86
C TYR B 39 17.19 -7.73 -8.75
N THR B 40 18.22 -8.58 -8.84
CA THR B 40 18.43 -9.60 -7.82
C THR B 40 19.75 -9.36 -7.09
N ARG B 41 19.65 -9.18 -5.77
CA ARG B 41 20.79 -8.90 -4.91
C ARG B 41 21.09 -10.11 -4.03
N LEU B 42 22.37 -10.40 -3.85
CA LEU B 42 22.83 -11.47 -2.98
C LEU B 42 23.17 -10.85 -1.64
N LEU B 43 22.57 -11.36 -0.57
CA LEU B 43 22.51 -10.64 0.70
C LEU B 43 23.67 -10.98 1.64
N GLY B 44 24.50 -11.97 1.31
CA GLY B 44 25.68 -12.21 2.13
C GLY B 44 25.33 -12.51 3.59
N ARG B 45 25.96 -11.81 4.54
CA ARG B 45 25.71 -12.04 5.95
C ARG B 45 24.75 -10.99 6.52
N GLU B 46 24.21 -10.11 5.65
CA GLU B 46 23.21 -9.13 6.09
C GLU B 46 21.92 -9.79 6.57
N VAL B 47 21.51 -10.88 5.89
CA VAL B 47 20.27 -11.55 6.20
C VAL B 47 20.59 -13.02 6.39
N THR B 48 20.21 -13.56 7.54
CA THR B 48 20.37 -14.97 7.82
C THR B 48 19.35 -15.75 7.00
N PRO B 49 19.74 -16.76 6.19
CA PRO B 49 18.77 -17.50 5.39
C PRO B 49 18.02 -18.49 6.27
N THR B 50 17.05 -19.21 5.69
CA THR B 50 16.30 -20.19 6.45
C THR B 50 17.28 -21.14 7.13
N PRO B 51 17.04 -21.49 8.40
CA PRO B 51 17.97 -22.36 9.10
C PRO B 51 17.87 -23.82 8.69
N LEU B 52 16.87 -24.21 7.88
CA LEU B 52 16.66 -25.64 7.63
C LEU B 52 17.89 -26.33 7.04
N TRP B 53 18.68 -25.64 6.22
CA TRP B 53 19.76 -26.31 5.48
C TRP B 53 21.13 -25.90 6.06
N ASN B 54 21.14 -25.41 7.30
CA ASN B 54 22.38 -25.09 7.99
C ASN B 54 23.23 -26.34 8.22
N ASP B 55 24.53 -26.11 8.41
CA ASP B 55 25.41 -27.09 9.01
C ASP B 55 25.54 -26.76 10.49
N ARG B 56 25.86 -27.77 11.31
CA ARG B 56 25.98 -27.58 12.75
C ARG B 56 27.44 -27.79 13.17
N LEU B 57 27.91 -26.97 14.10
CA LEU B 57 29.27 -27.07 14.62
C LEU B 57 29.28 -27.90 15.90
N PHE B 58 30.40 -28.59 16.10
CA PHE B 58 30.76 -29.08 17.42
C PHE B 58 32.09 -28.46 17.81
N PRO B 59 32.26 -27.84 19.02
CA PRO B 59 31.18 -27.70 20.01
C PRO B 59 30.08 -26.72 19.60
N GLU B 60 28.94 -26.80 20.31
CA GLU B 60 27.70 -26.16 19.91
C GLU B 60 27.57 -24.78 20.56
N VAL B 61 28.68 -24.34 21.17
CA VAL B 61 28.95 -22.95 21.55
C VAL B 61 30.41 -22.70 21.16
N PRO B 62 30.81 -21.55 20.56
CA PRO B 62 29.98 -20.34 20.45
C PRO B 62 28.89 -20.39 19.39
N TYR B 63 29.27 -20.67 18.14
CA TYR B 63 28.32 -20.74 17.04
C TYR B 63 27.75 -22.16 16.97
N PRO B 64 26.43 -22.37 17.16
CA PRO B 64 25.85 -23.69 16.93
C PRO B 64 25.84 -24.06 15.45
N ALA B 65 25.73 -23.06 14.56
CA ALA B 65 25.37 -23.30 13.17
C ALA B 65 26.20 -22.47 12.19
N VAL B 66 26.41 -23.00 10.98
CA VAL B 66 27.00 -22.24 9.89
C VAL B 66 26.03 -22.27 8.70
N SER B 67 25.82 -21.10 8.09
CA SER B 67 24.97 -20.98 6.92
C SER B 67 25.66 -21.61 5.72
N THR B 68 24.89 -22.29 4.85
CA THR B 68 25.38 -23.01 3.70
C THR B 68 24.97 -22.32 2.41
N GLU B 69 24.32 -21.17 2.56
CA GLU B 69 23.79 -20.40 1.44
C GLU B 69 23.68 -18.94 1.86
N GLN B 70 23.49 -18.06 0.88
CA GLN B 70 23.06 -16.71 1.15
C GLN B 70 21.68 -16.49 0.54
N ALA B 71 20.92 -15.61 1.20
CA ALA B 71 19.60 -15.27 0.73
C ALA B 71 19.70 -14.38 -0.51
N LEU B 72 18.64 -14.38 -1.32
CA LEU B 72 18.51 -13.54 -2.50
C LEU B 72 17.38 -12.56 -2.25
N LEU B 73 17.61 -11.31 -2.62
CA LEU B 73 16.57 -10.30 -2.64
C LEU B 73 16.18 -10.08 -4.10
N VAL B 74 14.92 -10.37 -4.44
CA VAL B 74 14.39 -10.16 -5.78
C VAL B 74 13.54 -8.90 -5.76
N LEU B 75 13.85 -7.96 -6.65
CA LEU B 75 13.19 -6.67 -6.72
C LEU B 75 12.51 -6.55 -8.07
N ILE B 76 11.35 -5.87 -8.07
CA ILE B 76 10.74 -5.33 -9.27
C ILE B 76 10.60 -3.82 -9.09
N GLY B 77 10.67 -3.10 -10.20
CA GLY B 77 10.39 -1.68 -10.23
C GLY B 77 9.86 -1.28 -11.59
N ASN B 78 9.86 0.04 -11.84
CA ASN B 78 9.14 0.48 -13.03
C ASN B 78 9.83 0.00 -14.31
N SER B 79 11.11 -0.41 -14.29
CA SER B 79 11.73 -0.93 -15.50
C SER B 79 11.49 -2.42 -15.72
N SER B 80 10.78 -3.09 -14.80
CA SER B 80 10.67 -4.55 -14.81
C SER B 80 9.62 -5.03 -15.83
N VAL B 81 9.81 -4.63 -17.08
CA VAL B 81 8.96 -5.00 -18.20
C VAL B 81 9.72 -6.00 -19.05
N PHE B 82 9.19 -7.22 -19.12
CA PHE B 82 9.83 -8.29 -19.87
C PHE B 82 9.46 -8.18 -21.35
N THR B 83 10.46 -8.25 -22.23
CA THR B 83 10.22 -8.40 -23.65
C THR B 83 10.47 -9.86 -24.07
N PRO B 84 9.47 -10.60 -24.58
CA PRO B 84 9.67 -11.96 -25.10
C PRO B 84 10.62 -12.00 -26.29
N GLY B 85 11.55 -12.97 -26.29
CA GLY B 85 12.48 -13.09 -27.40
C GLY B 85 13.26 -11.78 -27.60
N SER B 86 13.67 -11.51 -28.85
CA SER B 86 14.30 -10.26 -29.21
C SER B 86 13.27 -9.21 -29.64
N SER B 87 12.09 -9.67 -30.07
CA SER B 87 11.22 -8.88 -30.92
C SER B 87 9.77 -8.82 -30.42
N GLY B 88 9.49 -9.41 -29.25
CA GLY B 88 8.12 -9.49 -28.77
C GLY B 88 7.60 -8.14 -28.28
N ARG B 89 6.28 -8.12 -28.16
CA ARG B 89 5.62 -7.00 -27.53
C ARG B 89 5.98 -7.00 -26.05
N PRO B 90 6.48 -5.88 -25.50
CA PRO B 90 6.77 -5.80 -24.06
C PRO B 90 5.54 -6.11 -23.21
N GLN B 91 5.77 -6.82 -22.09
CA GLN B 91 4.69 -7.21 -21.20
C GLN B 91 4.42 -6.08 -20.20
N THR B 92 3.84 -4.99 -20.72
CA THR B 92 3.65 -3.74 -20.01
C THR B 92 2.63 -3.86 -18.87
N GLY B 93 1.80 -4.89 -18.89
CA GLY B 93 0.82 -5.11 -17.84
C GLY B 93 1.44 -5.76 -16.59
N PHE B 94 2.58 -6.43 -16.75
CA PHE B 94 3.24 -7.11 -15.66
C PHE B 94 4.43 -6.32 -15.15
N ARG B 95 4.84 -6.56 -13.91
CA ARG B 95 6.17 -6.22 -13.44
C ARG B 95 6.79 -7.49 -12.91
N ARG B 96 7.94 -7.88 -13.47
CA ARG B 96 8.45 -9.19 -13.13
C ARG B 96 9.97 -9.23 -13.17
N THR B 97 10.47 -10.02 -12.23
CA THR B 97 11.85 -10.43 -12.13
C THR B 97 11.83 -11.88 -11.66
N GLU B 98 12.33 -12.79 -12.51
CA GLU B 98 12.35 -14.19 -12.12
C GLU B 98 13.70 -14.82 -12.39
N LEU B 99 14.00 -15.83 -11.58
CA LEU B 99 15.14 -16.72 -11.79
C LEU B 99 14.54 -18.06 -12.17
N ILE B 100 15.13 -18.71 -13.19
CA ILE B 100 14.65 -19.97 -13.70
C ILE B 100 15.73 -21.05 -13.52
N ALA B 101 15.35 -22.22 -13.04
CA ALA B 101 16.32 -23.29 -12.87
C ALA B 101 16.91 -23.73 -14.21
N GLN B 102 18.24 -23.89 -14.22
CA GLN B 102 18.92 -24.44 -15.39
C GLN B 102 20.05 -25.35 -14.90
N VAL B 103 20.53 -26.20 -15.82
CA VAL B 103 21.75 -26.96 -15.62
C VAL B 103 22.54 -26.93 -16.93
N ASN B 104 23.86 -26.78 -16.80
CA ASN B 104 24.74 -26.60 -17.95
C ASN B 104 24.26 -25.46 -18.84
N GLY B 105 23.77 -24.39 -18.22
CA GLY B 105 23.32 -23.22 -18.96
C GLY B 105 22.04 -23.46 -19.74
N SER B 106 21.25 -24.49 -19.37
CA SER B 106 20.09 -24.90 -20.16
C SER B 106 18.88 -25.22 -19.28
N ASN B 107 17.78 -24.47 -19.45
CA ASN B 107 16.51 -24.88 -18.87
C ASN B 107 15.96 -26.13 -19.56
N ILE B 108 16.24 -26.28 -20.87
CA ILE B 108 15.67 -27.36 -21.66
C ILE B 108 16.14 -28.70 -21.13
N ASP B 109 17.44 -28.80 -20.81
CA ASP B 109 18.02 -30.06 -20.37
C ASP B 109 17.45 -30.47 -19.00
N LEU B 110 17.00 -29.49 -18.20
CA LEU B 110 16.48 -29.81 -16.88
C LEU B 110 15.05 -30.34 -16.96
N ILE B 111 14.30 -30.05 -18.03
CA ILE B 111 12.87 -30.40 -18.09
C ILE B 111 12.66 -31.87 -17.75
N PRO B 112 13.34 -32.83 -18.42
CA PRO B 112 13.06 -34.25 -18.18
C PRO B 112 13.47 -34.68 -16.77
N ILE B 113 14.51 -34.05 -16.21
CA ILE B 113 15.02 -34.39 -14.90
C ILE B 113 14.01 -34.02 -13.79
N ILE B 114 13.54 -32.77 -13.80
CA ILE B 114 12.61 -32.35 -12.76
C ILE B 114 11.17 -32.71 -13.10
N GLY B 115 10.96 -33.35 -14.26
CA GLY B 115 9.63 -33.61 -14.77
C GLY B 115 9.31 -35.12 -14.87
N LYS B 116 10.07 -35.94 -14.14
CA LYS B 116 9.82 -37.37 -14.12
C LYS B 116 9.63 -37.85 -12.68
N GLY B 117 8.68 -38.77 -12.50
CA GLY B 117 8.50 -39.43 -11.22
C GLY B 117 7.93 -38.46 -10.18
N ARG B 118 8.39 -38.62 -8.94
CA ARG B 118 7.97 -37.74 -7.85
C ARG B 118 9.13 -36.81 -7.54
N VAL B 119 8.82 -35.50 -7.52
CA VAL B 119 9.82 -34.45 -7.38
C VAL B 119 9.33 -33.45 -6.33
N ALA B 120 10.21 -33.08 -5.41
CA ALA B 120 9.86 -32.09 -4.39
C ALA B 120 10.53 -30.78 -4.76
N PHE B 121 9.69 -29.73 -4.83
CA PHE B 121 10.10 -28.36 -5.13
C PHE B 121 10.11 -27.57 -3.83
N HIS B 122 11.31 -27.21 -3.39
CA HIS B 122 11.51 -26.52 -2.13
C HIS B 122 11.72 -25.03 -2.39
N PHE B 123 11.23 -24.19 -1.46
CA PHE B 123 11.44 -22.76 -1.51
C PHE B 123 11.04 -22.16 -0.18
N SER B 124 11.83 -21.19 0.31
CA SER B 124 11.47 -20.41 1.48
C SER B 124 11.44 -18.93 1.12
N VAL B 125 10.52 -18.19 1.78
CA VAL B 125 10.37 -16.77 1.55
C VAL B 125 10.36 -16.00 2.86
N LEU B 126 10.88 -14.77 2.77
CA LEU B 126 10.95 -13.82 3.86
C LEU B 126 10.52 -12.47 3.32
N MET B 127 9.65 -11.80 4.08
CA MET B 127 9.14 -10.50 3.69
C MET B 127 10.25 -9.46 3.69
N ASP B 128 10.30 -8.63 2.63
CA ASP B 128 11.23 -7.51 2.54
C ASP B 128 10.61 -6.28 3.18
N GLU B 129 11.19 -5.82 4.30
CA GLU B 129 10.63 -4.68 5.02
C GLU B 129 11.00 -3.35 4.37
N TRP B 130 12.01 -3.38 3.50
CA TRP B 130 12.56 -2.15 2.92
C TRP B 130 11.84 -1.77 1.62
N HIS B 131 11.18 -2.74 0.95
CA HIS B 131 10.45 -2.45 -0.27
C HIS B 131 9.15 -3.25 -0.29
N LYS B 132 8.16 -2.78 0.45
CA LYS B 132 7.03 -3.64 0.80
C LYS B 132 6.21 -3.97 -0.45
N LEU B 133 5.82 -5.26 -0.55
CA LEU B 133 4.85 -5.69 -1.52
C LEU B 133 3.51 -5.01 -1.25
N ASP B 134 2.83 -4.64 -2.34
CA ASP B 134 1.51 -4.07 -2.24
C ASP B 134 0.46 -5.17 -2.43
N MET B 135 -0.21 -5.57 -1.35
CA MET B 135 -1.13 -6.69 -1.41
C MET B 135 -2.46 -6.36 -2.06
N ILE B 136 -2.62 -5.11 -2.56
CA ILE B 136 -3.71 -4.79 -3.46
C ILE B 136 -3.62 -5.56 -4.78
N HIS B 137 -2.37 -5.86 -5.19
CA HIS B 137 -2.10 -6.61 -6.41
C HIS B 137 -1.78 -8.08 -6.13
N GLU B 138 -1.99 -8.87 -7.18
CA GLU B 138 -1.65 -10.29 -7.18
C GLU B 138 -0.19 -10.45 -7.57
N HIS B 139 0.51 -11.32 -6.83
CA HIS B 139 1.89 -11.69 -7.13
C HIS B 139 2.00 -13.20 -7.24
N GLN B 140 2.55 -13.65 -8.37
CA GLN B 140 2.91 -15.05 -8.56
C GLN B 140 4.40 -15.14 -8.30
N LEU B 141 4.74 -15.88 -7.24
CA LEU B 141 6.09 -15.89 -6.70
C LEU B 141 6.90 -17.08 -7.19
N VAL B 142 6.30 -18.26 -7.15
CA VAL B 142 6.99 -19.50 -7.50
C VAL B 142 6.01 -20.30 -8.33
N PHE B 143 6.48 -20.92 -9.41
CA PHE B 143 5.63 -21.78 -10.21
C PHE B 143 6.48 -22.66 -11.14
N VAL B 144 5.87 -23.77 -11.57
CA VAL B 144 6.38 -24.58 -12.67
C VAL B 144 5.47 -24.31 -13.87
N ALA B 145 6.06 -23.79 -14.95
CA ALA B 145 5.27 -23.36 -16.11
C ALA B 145 5.55 -24.21 -17.34
N PRO B 146 4.55 -24.98 -17.81
CA PRO B 146 4.63 -25.62 -19.14
C PRO B 146 4.68 -24.57 -20.23
N SER B 147 4.86 -25.05 -21.46
CA SER B 147 5.02 -24.18 -22.63
C SER B 147 3.80 -23.29 -22.84
N ASP B 148 2.62 -23.69 -22.37
CA ASP B 148 1.40 -22.93 -22.59
C ASP B 148 1.29 -21.76 -21.61
N GLY B 149 2.21 -21.64 -20.65
CA GLY B 149 2.21 -20.53 -19.71
C GLY B 149 1.34 -20.75 -18.48
N SER B 150 0.65 -21.88 -18.42
CA SER B 150 -0.05 -22.32 -17.23
C SER B 150 0.97 -22.63 -16.13
N HIS B 151 0.47 -22.88 -14.91
CA HIS B 151 1.32 -23.16 -13.77
C HIS B 151 0.88 -24.46 -13.10
N VAL B 152 1.73 -25.49 -13.09
CA VAL B 152 1.37 -26.76 -12.47
C VAL B 152 0.97 -26.56 -10.99
N PHE B 153 1.70 -25.68 -10.31
CA PHE B 153 1.34 -25.11 -9.03
C PHE B 153 1.91 -23.70 -9.01
N THR B 154 1.38 -22.88 -8.10
CA THR B 154 1.83 -21.51 -7.91
C THR B 154 1.88 -21.19 -6.41
N LEU B 155 2.92 -20.50 -5.95
CA LEU B 155 2.88 -19.77 -4.70
C LEU B 155 2.50 -18.34 -5.04
N GLN B 156 1.38 -17.88 -4.47
CA GLN B 156 0.79 -16.58 -4.73
C GLN B 156 0.72 -15.77 -3.44
N VAL B 157 0.78 -14.44 -3.53
CA VAL B 157 0.41 -13.59 -2.42
C VAL B 157 -0.18 -12.32 -3.02
N GLY B 158 -1.08 -11.70 -2.24
CA GLY B 158 -1.75 -10.47 -2.65
C GLY B 158 -3.14 -10.79 -3.20
N SER B 159 -3.95 -9.75 -3.38
CA SER B 159 -5.32 -9.89 -3.80
C SER B 159 -5.37 -10.41 -5.22
N PRO B 160 -6.01 -11.56 -5.49
CA PRO B 160 -6.14 -12.03 -6.86
C PRO B 160 -6.73 -10.99 -7.81
N PHE B 161 -6.15 -10.92 -9.01
CA PHE B 161 -6.63 -10.02 -10.05
C PHE B 161 -8.04 -10.43 -10.44
N THR B 162 -8.94 -9.46 -10.57
CA THR B 162 -10.25 -9.71 -11.13
C THR B 162 -10.61 -8.56 -12.07
N ASN B 163 -11.38 -8.93 -13.11
CA ASN B 163 -11.99 -7.97 -14.01
C ASN B 163 -13.49 -8.27 -14.07
N PRO B 164 -14.38 -7.37 -13.59
CA PRO B 164 -14.00 -6.08 -13.01
C PRO B 164 -13.34 -6.13 -11.64
N THR B 165 -12.71 -5.03 -11.28
CA THR B 165 -12.16 -4.84 -9.94
C THR B 165 -13.27 -5.03 -8.90
N GLY B 166 -12.93 -5.78 -7.84
CA GLY B 166 -13.79 -5.99 -6.69
C GLY B 166 -13.22 -5.28 -5.46
N PRO B 167 -13.75 -5.57 -4.26
CA PRO B 167 -13.25 -4.98 -3.03
C PRO B 167 -11.79 -5.34 -2.85
N LEU B 168 -10.97 -4.35 -2.49
CA LEU B 168 -9.54 -4.52 -2.32
C LEU B 168 -9.07 -3.76 -1.08
N PRO B 169 -8.19 -4.36 -0.25
CA PRO B 169 -7.67 -5.71 -0.50
C PRO B 169 -8.67 -6.82 -0.22
N ALA B 170 -8.45 -7.97 -0.86
CA ALA B 170 -9.24 -9.18 -0.63
C ALA B 170 -9.01 -9.69 0.77
N PRO B 171 -9.95 -10.48 1.35
CA PRO B 171 -9.66 -11.15 2.62
C PRO B 171 -8.40 -12.02 2.49
N ARG B 172 -7.53 -11.95 3.50
CA ARG B 172 -6.31 -12.74 3.55
C ARG B 172 -5.43 -12.43 2.34
N ALA B 173 -5.46 -11.20 1.84
CA ALA B 173 -4.59 -10.80 0.75
C ALA B 173 -3.13 -11.05 1.12
N ASP B 174 -2.78 -10.85 2.39
CA ASP B 174 -1.39 -10.98 2.81
C ASP B 174 -1.10 -12.40 3.30
N TRP B 175 -1.93 -13.37 2.89
CA TRP B 175 -1.62 -14.78 3.11
C TRP B 175 -0.97 -15.37 1.86
N LEU B 176 0.16 -16.03 2.08
CA LEU B 176 0.78 -16.89 1.08
C LEU B 176 -0.17 -18.03 0.76
N LYS B 177 -0.34 -18.35 -0.53
CA LYS B 177 -1.25 -19.40 -0.98
C LYS B 177 -0.57 -20.32 -1.97
N ILE B 178 -0.74 -21.62 -1.79
CA ILE B 178 -0.37 -22.58 -2.82
C ILE B 178 -1.61 -22.95 -3.61
N LEU B 179 -1.51 -22.79 -4.95
CA LEU B 179 -2.57 -23.10 -5.89
C LEU B 179 -2.22 -24.30 -6.74
N ASN B 180 -3.24 -25.04 -7.14
CA ASN B 180 -3.06 -26.09 -8.14
C ASN B 180 -3.15 -25.45 -9.52
N HIS B 181 -3.07 -26.31 -10.55
CA HIS B 181 -3.06 -25.84 -11.93
C HIS B 181 -4.37 -25.16 -12.33
N ASN B 182 -5.45 -25.53 -11.66
CA ASN B 182 -6.79 -24.97 -11.85
C ASN B 182 -7.04 -23.72 -11.01
N LEU B 183 -6.01 -23.27 -10.26
CA LEU B 183 -6.07 -22.11 -9.39
C LEU B 183 -6.89 -22.33 -8.12
N ASP B 184 -7.19 -23.59 -7.78
CA ASP B 184 -7.78 -23.87 -6.47
C ASP B 184 -6.75 -23.61 -5.38
N VAL B 185 -7.20 -22.97 -4.30
CA VAL B 185 -6.36 -22.74 -3.13
C VAL B 185 -6.23 -24.04 -2.36
N LEU B 186 -5.01 -24.56 -2.28
CA LEU B 186 -4.77 -25.82 -1.57
C LEU B 186 -4.43 -25.58 -0.12
N PHE B 187 -3.70 -24.50 0.15
CA PHE B 187 -3.16 -24.18 1.46
C PHE B 187 -2.91 -22.68 1.50
N GLU B 188 -3.16 -22.02 2.63
CA GLU B 188 -2.85 -20.60 2.77
C GLU B 188 -2.42 -20.33 4.21
N THR B 189 -1.50 -19.40 4.37
CA THR B 189 -0.99 -19.07 5.69
C THR B 189 -0.52 -17.62 5.69
N GLU B 190 -0.64 -16.92 6.82
CA GLU B 190 -0.34 -15.50 6.84
C GLU B 190 1.14 -15.29 6.51
N PHE B 191 1.43 -14.29 5.67
CA PHE B 191 2.80 -13.92 5.37
C PHE B 191 3.33 -13.02 6.50
N THR B 192 3.56 -13.63 7.64
CA THR B 192 4.06 -12.89 8.79
C THR B 192 5.47 -12.39 8.50
N ASP B 193 5.82 -11.23 9.05
CA ASP B 193 7.13 -10.65 8.86
C ASP B 193 8.18 -11.37 9.71
N GLU B 194 9.45 -11.14 9.37
CA GLU B 194 10.61 -11.59 10.13
C GLU B 194 10.59 -13.10 10.37
N THR B 195 10.01 -13.83 9.41
CA THR B 195 9.83 -15.26 9.46
C THR B 195 10.19 -15.87 8.10
N TRP B 196 10.99 -16.93 8.13
CA TRP B 196 11.18 -17.76 6.96
C TRP B 196 10.02 -18.73 6.84
N HIS B 197 9.29 -18.59 5.74
CA HIS B 197 8.16 -19.43 5.40
C HIS B 197 8.68 -20.49 4.44
N ASN B 198 8.84 -21.70 4.97
CA ASN B 198 9.44 -22.81 4.26
C ASN B 198 8.34 -23.66 3.62
N PHE B 199 8.53 -24.01 2.33
CA PHE B 199 7.59 -24.85 1.60
C PHE B 199 8.30 -25.99 0.87
N ALA B 200 7.58 -27.09 0.72
CA ALA B 200 7.88 -28.02 -0.35
C ALA B 200 6.56 -28.44 -0.98
N VAL B 201 6.57 -28.52 -2.31
CA VAL B 201 5.47 -29.05 -3.09
C VAL B 201 5.98 -30.30 -3.80
N ILE B 202 5.37 -31.44 -3.47
CA ILE B 202 5.65 -32.69 -4.16
C ILE B 202 4.71 -32.79 -5.35
N VAL B 203 5.32 -32.85 -6.54
CA VAL B 203 4.64 -33.14 -7.78
C VAL B 203 4.90 -34.60 -8.12
N ASP B 204 3.81 -35.36 -8.28
CA ASP B 204 3.93 -36.71 -8.81
C ASP B 204 3.55 -36.60 -10.27
N TRP B 205 4.56 -36.59 -11.15
CA TRP B 205 4.35 -36.39 -12.57
C TRP B 205 3.63 -37.57 -13.21
N GLU B 206 3.69 -38.76 -12.61
CA GLU B 206 3.01 -39.92 -13.18
C GLU B 206 1.52 -39.83 -12.92
N LYS B 207 1.17 -39.46 -11.68
CA LYS B 207 -0.21 -39.57 -11.21
C LYS B 207 -0.90 -38.21 -11.23
N ARG B 208 -0.13 -37.16 -11.57
CA ARG B 208 -0.57 -35.77 -11.62
C ARG B 208 -1.23 -35.39 -10.29
N THR B 209 -0.46 -35.49 -9.21
CA THR B 209 -0.89 -35.04 -7.90
C THR B 209 0.06 -33.96 -7.38
N LEU B 210 -0.42 -33.26 -6.35
CA LEU B 210 0.34 -32.31 -5.55
C LEU B 210 0.19 -32.63 -4.07
N GLN B 211 1.24 -32.33 -3.31
CA GLN B 211 1.13 -32.34 -1.87
C GLN B 211 1.98 -31.22 -1.30
N VAL B 212 1.41 -30.43 -0.37
CA VAL B 212 2.07 -29.28 0.19
C VAL B 212 2.60 -29.60 1.59
N TRP B 213 3.85 -29.15 1.82
CA TRP B 213 4.55 -29.22 3.09
C TRP B 213 4.97 -27.80 3.47
N TYR B 214 4.89 -27.48 4.76
CA TYR B 214 5.16 -26.13 5.21
C TYR B 214 5.68 -26.11 6.64
N SER B 215 6.54 -25.13 6.92
CA SER B 215 6.92 -24.82 8.29
C SER B 215 7.44 -23.39 8.36
N GLN B 216 7.75 -22.94 9.59
CA GLN B 216 8.39 -21.66 9.81
C GLN B 216 9.75 -21.81 10.46
N ASN B 217 10.69 -20.98 10.01
CA ASN B 217 11.99 -20.85 10.64
C ASN B 217 12.67 -22.21 10.74
N GLU B 218 13.12 -22.61 11.94
CA GLU B 218 13.90 -23.83 12.11
C GLU B 218 13.05 -25.10 12.24
N ASN B 219 11.72 -24.99 12.20
CA ASN B 219 10.86 -26.14 12.39
C ASN B 219 10.87 -27.01 11.14
N ASN B 220 10.88 -28.32 11.31
CA ASN B 220 10.86 -29.23 10.18
C ASN B 220 9.57 -29.06 9.39
N LEU B 221 9.66 -29.24 8.07
CA LEU B 221 8.48 -29.26 7.23
C LEU B 221 7.48 -30.30 7.73
N VAL B 222 6.19 -29.96 7.72
CA VAL B 222 5.11 -30.89 8.03
C VAL B 222 4.13 -30.89 6.85
N TRP B 223 3.43 -31.99 6.65
CA TRP B 223 2.45 -32.02 5.57
C TRP B 223 1.21 -31.23 5.96
N VAL B 224 0.78 -30.35 5.04
CA VAL B 224 -0.38 -29.51 5.28
C VAL B 224 -1.52 -29.75 4.29
N THR B 225 -1.31 -30.63 3.29
CA THR B 225 -2.42 -31.17 2.50
C THR B 225 -2.20 -32.65 2.42
N PRO B 226 -3.26 -33.44 2.11
CA PRO B 226 -3.05 -34.80 1.63
C PRO B 226 -2.45 -34.74 0.24
N VAL B 227 -2.26 -35.91 -0.37
CA VAL B 227 -1.94 -36.03 -1.79
C VAL B 227 -3.20 -35.72 -2.58
N LEU B 228 -3.14 -34.68 -3.42
CA LEU B 228 -4.31 -34.14 -4.05
C LEU B 228 -4.23 -34.32 -5.56
N PRO B 229 -5.34 -34.63 -6.23
CA PRO B 229 -5.33 -34.67 -7.69
C PRO B 229 -5.16 -33.28 -8.29
N ASN B 230 -4.44 -33.22 -9.41
CA ASN B 230 -4.14 -31.99 -10.13
C ASN B 230 -4.38 -32.27 -11.63
N GLU B 231 -5.60 -32.70 -11.95
CA GLU B 231 -5.87 -33.39 -13.20
C GLU B 231 -6.08 -32.43 -14.39
N THR B 232 -6.10 -31.11 -14.18
CA THR B 232 -6.18 -30.18 -15.29
C THR B 232 -4.83 -30.03 -16.01
N VAL B 233 -3.73 -30.51 -15.40
CA VAL B 233 -2.40 -30.52 -16.04
C VAL B 233 -2.51 -31.39 -17.28
N LYS B 234 -1.88 -30.97 -18.38
CA LYS B 234 -1.92 -31.74 -19.61
C LYS B 234 -1.07 -33.00 -19.48
N ARG B 235 -1.45 -34.02 -20.26
CA ARG B 235 -0.74 -35.27 -20.34
C ARG B 235 0.58 -35.07 -21.08
N GLY B 236 1.55 -35.93 -20.77
CA GLY B 236 2.81 -36.01 -21.48
C GLY B 236 3.67 -34.75 -21.28
N THR B 237 4.43 -34.41 -22.32
CA THR B 237 5.44 -33.37 -22.22
C THR B 237 4.78 -31.99 -22.05
N ALA B 238 3.54 -31.85 -22.48
CA ALA B 238 2.83 -30.57 -22.43
C ALA B 238 2.46 -30.21 -21.00
N GLY B 239 2.61 -31.16 -20.08
CA GLY B 239 2.35 -30.91 -18.66
C GLY B 239 3.60 -30.55 -17.88
N ARG B 240 4.78 -30.66 -18.47
CA ARG B 240 6.05 -30.39 -17.82
C ARG B 240 6.51 -28.97 -18.19
N GLY B 241 7.46 -28.44 -17.43
CA GLY B 241 8.00 -27.15 -17.80
C GLY B 241 9.04 -26.64 -16.81
N ASP B 242 9.25 -25.32 -16.82
CA ASP B 242 10.38 -24.68 -16.16
C ASP B 242 10.00 -24.22 -14.76
N PHE B 243 10.98 -24.25 -13.86
CA PHE B 243 10.81 -23.75 -12.50
C PHE B 243 11.23 -22.29 -12.42
N HIS B 244 10.28 -21.44 -12.01
CA HIS B 244 10.48 -20.01 -11.84
C HIS B 244 10.36 -19.61 -10.37
N PHE B 245 11.19 -18.71 -9.91
CA PHE B 245 10.94 -18.05 -8.64
C PHE B 245 11.36 -16.60 -8.73
N GLY B 246 10.60 -15.74 -8.05
CA GLY B 246 10.86 -14.33 -8.08
C GLY B 246 9.61 -13.55 -7.74
N ILE B 247 9.30 -12.55 -8.58
CA ILE B 247 8.06 -11.82 -8.45
C ILE B 247 7.49 -11.59 -9.84
N LEU B 248 6.26 -12.04 -10.05
CA LEU B 248 5.44 -11.68 -11.22
C LEU B 248 4.20 -10.98 -10.68
N LYS B 249 4.18 -9.66 -10.86
CA LYS B 249 3.12 -8.83 -10.32
C LYS B 249 2.12 -8.52 -11.44
N LEU B 250 0.86 -8.87 -11.19
CA LEU B 250 -0.23 -8.52 -12.10
C LEU B 250 -0.68 -7.09 -11.83
N PRO B 251 -1.34 -6.47 -12.82
CA PRO B 251 -1.86 -5.11 -12.67
C PRO B 251 -3.23 -5.11 -12.02
N LEU B 252 -3.83 -3.91 -11.91
CA LEU B 252 -5.27 -3.79 -11.71
C LEU B 252 -5.90 -3.35 -13.01
N VAL B 253 -7.18 -3.63 -13.18
CA VAL B 253 -7.91 -3.14 -14.35
C VAL B 253 -7.86 -1.61 -14.36
N ASN B 254 -7.57 -1.06 -15.55
CA ASN B 254 -7.75 0.35 -15.83
C ASN B 254 -9.03 0.52 -16.66
N VAL B 255 -10.06 1.13 -16.06
CA VAL B 255 -11.33 1.30 -16.75
C VAL B 255 -11.19 2.27 -17.92
N ALA B 256 -10.09 3.03 -17.99
CA ALA B 256 -9.82 3.86 -19.16
C ALA B 256 -9.57 2.99 -20.39
N ASP B 257 -9.06 1.77 -20.19
CA ASP B 257 -8.81 0.87 -21.29
C ASP B 257 -10.13 0.37 -21.84
N PRO B 258 -10.21 0.02 -23.14
CA PRO B 258 -11.43 -0.57 -23.68
C PRO B 258 -11.73 -1.91 -23.02
N PRO B 259 -13.01 -2.25 -22.80
CA PRO B 259 -13.38 -3.54 -22.22
C PRO B 259 -12.71 -4.74 -22.90
N GLU B 260 -12.41 -4.61 -24.20
CA GLU B 260 -11.93 -5.72 -25.01
C GLU B 260 -10.50 -6.12 -24.67
N VAL B 261 -9.77 -5.28 -23.92
CA VAL B 261 -8.38 -5.58 -23.61
C VAL B 261 -8.15 -5.71 -22.11
N ARG B 262 -9.16 -5.48 -21.27
CA ARG B 262 -8.92 -5.39 -19.83
C ARG B 262 -8.48 -6.73 -19.25
N ASP B 263 -8.86 -7.84 -19.90
CA ASP B 263 -8.47 -9.15 -19.41
C ASP B 263 -7.01 -9.45 -19.78
N ASP B 264 -6.45 -8.72 -20.74
CA ASP B 264 -5.09 -8.98 -21.19
C ASP B 264 -4.10 -8.29 -20.27
N VAL B 265 -3.90 -8.93 -19.11
CA VAL B 265 -3.03 -8.44 -18.05
C VAL B 265 -1.57 -8.45 -18.46
N VAL B 266 -1.20 -9.20 -19.52
CA VAL B 266 0.18 -9.18 -20.00
C VAL B 266 0.53 -7.79 -20.49
N HIS B 267 -0.43 -7.09 -21.11
CA HIS B 267 -0.14 -5.83 -21.78
C HIS B 267 -0.91 -4.63 -21.23
N TYR B 268 -1.98 -4.84 -20.45
CA TYR B 268 -2.82 -3.73 -20.03
C TYR B 268 -3.07 -3.79 -18.53
N GLY B 269 -3.23 -2.60 -17.93
CA GLY B 269 -3.60 -2.48 -16.55
C GLY B 269 -2.70 -1.48 -15.81
N ILE B 270 -3.16 -1.10 -14.64
CA ILE B 270 -2.47 -0.15 -13.80
C ILE B 270 -1.32 -0.84 -13.08
N GLN B 271 -0.13 -0.26 -13.27
CA GLN B 271 1.06 -0.64 -12.54
C GLN B 271 1.73 0.64 -12.05
N PRO B 272 1.76 0.89 -10.73
CA PRO B 272 2.48 2.05 -10.23
C PRO B 272 3.98 1.88 -10.41
N PRO B 273 4.71 3.00 -10.54
CA PRO B 273 6.17 2.97 -10.75
C PRO B 273 7.06 2.62 -9.56
N THR B 274 6.53 1.83 -8.63
CA THR B 274 7.14 1.62 -7.34
C THR B 274 7.99 0.34 -7.31
N THR B 275 8.91 0.29 -6.36
CA THR B 275 9.82 -0.82 -6.15
C THR B 275 9.31 -1.72 -5.03
N HIS B 276 9.43 -3.03 -5.23
CA HIS B 276 8.95 -4.03 -4.30
C HIS B 276 9.92 -5.19 -4.31
N GLY B 277 10.05 -5.85 -3.16
CA GLY B 277 10.96 -6.97 -3.03
C GLY B 277 10.38 -8.11 -2.22
N ILE B 278 11.05 -9.25 -2.35
CA ILE B 278 10.85 -10.42 -1.51
C ILE B 278 12.18 -11.13 -1.40
N MET B 279 12.39 -11.86 -0.30
CA MET B 279 13.65 -12.58 -0.12
C MET B 279 13.41 -14.08 -0.19
N TYR B 280 14.38 -14.78 -0.82
CA TYR B 280 14.35 -16.21 -1.03
C TYR B 280 15.56 -16.85 -0.37
N SER B 281 15.35 -18.06 0.16
CA SER B 281 16.42 -18.97 0.48
C SER B 281 15.87 -20.39 0.39
N GLY B 282 16.74 -21.40 0.43
CA GLY B 282 16.27 -22.78 0.53
C GLY B 282 15.52 -23.24 -0.72
N VAL B 283 15.86 -22.67 -1.89
CA VAL B 283 15.22 -23.03 -3.14
C VAL B 283 16.01 -24.15 -3.83
N PHE B 284 15.40 -25.33 -3.91
CA PHE B 284 16.07 -26.45 -4.56
C PHE B 284 15.03 -27.50 -4.90
N ILE B 285 15.44 -28.49 -5.72
CA ILE B 285 14.56 -29.52 -6.24
C ILE B 285 15.24 -30.87 -5.99
N GLU B 286 14.51 -31.80 -5.39
CA GLU B 286 15.04 -33.14 -5.10
C GLU B 286 14.04 -34.19 -5.57
N ASP B 287 14.53 -35.43 -5.80
CA ASP B 287 13.62 -36.55 -5.87
C ASP B 287 13.27 -37.02 -4.45
N LEU B 288 12.54 -38.15 -4.36
CA LEU B 288 12.05 -38.63 -3.09
C LEU B 288 12.73 -39.96 -2.71
N GLU B 289 13.93 -40.23 -3.24
CA GLU B 289 14.74 -41.35 -2.77
C GLU B 289 14.94 -41.23 -1.25
N ASP B 290 14.58 -42.31 -0.53
CA ASP B 290 14.62 -42.46 0.93
C ASP B 290 13.54 -41.62 1.58
N GLY B 291 13.37 -40.38 1.10
CA GLY B 291 12.28 -39.55 1.56
C GLY B 291 12.49 -38.08 1.21
N LEU B 292 11.62 -37.26 1.78
CA LEU B 292 11.63 -35.82 1.60
C LEU B 292 12.60 -35.22 2.62
N SER B 293 13.42 -34.28 2.18
CA SER B 293 14.23 -33.50 3.11
C SER B 293 13.31 -32.53 3.84
N VAL B 294 13.16 -32.71 5.15
CA VAL B 294 12.26 -31.86 5.93
C VAL B 294 13.00 -30.78 6.71
N GLY B 295 14.33 -30.74 6.58
CA GLY B 295 15.15 -29.80 7.33
C GLY B 295 15.93 -30.45 8.46
N ASN B 296 16.97 -29.73 8.91
CA ASN B 296 17.69 -30.10 10.12
C ASN B 296 18.29 -31.50 9.96
N LYS B 297 18.69 -31.85 8.73
CA LYS B 297 19.35 -33.11 8.43
C LYS B 297 18.43 -34.31 8.71
N PHE B 298 17.12 -34.13 8.52
CA PHE B 298 16.18 -35.23 8.63
C PHE B 298 15.53 -35.49 7.28
N ILE B 299 15.29 -36.77 7.00
CA ILE B 299 14.45 -37.19 5.89
C ILE B 299 13.18 -37.84 6.45
N GLN B 300 12.08 -37.70 5.72
CA GLN B 300 10.82 -38.31 6.09
C GLN B 300 10.27 -39.11 4.90
N GLU B 301 9.93 -40.38 5.14
CA GLU B 301 9.34 -41.19 4.08
C GLU B 301 7.99 -40.63 3.67
N VAL B 302 7.72 -40.64 2.35
CA VAL B 302 6.49 -40.09 1.82
C VAL B 302 5.75 -41.17 1.04
N ALA B 303 4.47 -41.37 1.39
CA ALA B 303 3.61 -42.32 0.71
C ALA B 303 3.17 -41.79 -0.66
C1 GLC C . -9.18 23.52 -7.71
C2 GLC C . -7.95 23.92 -8.49
C3 GLC C . -6.87 22.85 -8.40
C4 GLC C . -6.59 22.60 -6.92
C5 GLC C . -7.87 22.22 -6.17
C6 GLC C . -7.62 22.03 -4.68
O1 GLC C . -9.83 22.38 -8.28
O2 GLC C . -8.37 24.09 -9.85
O3 GLC C . -5.67 23.29 -9.08
O4 GLC C . -5.70 21.48 -6.69
O5 GLC C . -8.84 23.25 -6.34
O6 GLC C . -7.32 23.24 -3.99
C2 BGC C . -3.53 20.97 -5.83
C3 BGC C . -2.05 21.13 -6.09
C4 BGC C . -1.73 20.88 -7.56
C5 BGC C . -2.60 21.77 -8.41
C6 BGC C . -2.34 21.47 -9.88
C1 BGC C . -4.33 21.81 -6.83
O2 BGC C . -3.85 21.37 -4.51
O3 BGC C . -1.34 20.18 -5.29
O4 BGC C . -0.36 21.17 -7.80
O5 BGC C . -3.95 21.44 -8.15
O6 BGC C . -3.12 22.45 -10.62
C1 GLC D . 4.38 -16.27 -20.30
C2 GLC D . 2.93 -16.36 -20.75
C3 GLC D . 2.03 -15.54 -19.83
C4 GLC D . 2.24 -16.05 -18.40
C5 GLC D . 3.71 -15.99 -18.01
C6 GLC D . 3.97 -16.52 -16.61
O1 GLC D . 4.91 -14.96 -20.46
O2 GLC D . 2.89 -15.80 -22.07
O3 GLC D . 0.67 -15.70 -20.23
O4 GLC D . 1.54 -15.25 -17.43
O5 GLC D . 4.50 -16.73 -18.95
O6 GLC D . 3.80 -17.94 -16.54
C2 BGC D . -0.18 -15.35 -15.78
C3 BGC D . -1.68 -15.51 -15.60
C4 BGC D . -2.43 -14.65 -16.61
C5 BGC D . -1.94 -14.94 -18.01
C6 BGC D . -2.61 -14.00 -19.01
C1 BGC D . 0.18 -15.58 -17.24
O2 BGC D . 0.49 -16.34 -15.00
O3 BGC D . -2.03 -15.11 -14.28
O4 BGC D . -3.84 -14.91 -16.53
O5 BGC D . -0.56 -14.68 -18.07
O6 BGC D . -2.18 -14.44 -20.32
O1 MES E . -18.87 25.71 -4.57
C2 MES E . -18.52 24.99 -5.75
C3 MES E . -17.23 24.24 -5.56
N4 MES E . -16.12 25.15 -5.15
C5 MES E . -16.56 25.89 -3.93
C6 MES E . -17.85 26.61 -4.21
C7 MES E . -14.83 24.47 -4.89
C8 MES E . -14.34 23.70 -6.09
S MES E . -12.60 23.41 -6.03
O1S MES E . -11.97 24.69 -6.16
O2S MES E . -12.30 22.56 -7.16
O3S MES E . -12.30 22.77 -4.79
C1 PEG F . -17.56 3.67 -1.65
O1 PEG F . -17.65 4.71 -0.70
C2 PEG F . -17.75 4.16 -3.06
O2 PEG F . -16.48 4.40 -3.67
C3 PEG F . -16.57 4.69 -5.07
C4 PEG F . -17.10 3.50 -5.82
O4 PEG F . -16.50 3.33 -7.08
O1 MES G . 14.34 -18.89 -21.81
C2 MES G . 13.68 -17.72 -22.32
C3 MES G . 12.58 -17.26 -21.40
N4 MES G . 11.60 -18.38 -21.16
C5 MES G . 12.34 -19.56 -20.64
C6 MES G . 13.43 -19.95 -21.61
C7 MES G . 10.49 -18.01 -20.23
C8 MES G . 9.73 -16.79 -20.69
S MES G . 8.13 -16.69 -19.97
O1S MES G . 7.39 -17.80 -20.47
O2S MES G . 7.53 -15.45 -20.39
O3S MES G . 8.31 -16.73 -18.54
C1 PGE H . 16.31 -1.10 -7.97
O1 PGE H . 16.14 -2.49 -8.21
C2 PGE H . 15.50 -0.27 -8.89
O2 PGE H . 15.56 -0.81 -10.21
C3 PGE H . 14.40 -0.56 -11.00
C4 PGE H . 14.47 0.82 -11.57
O4 PGE H . 12.28 3.08 -14.65
C6 PGE H . 13.41 2.90 -13.81
C5 PGE H . 13.03 2.50 -12.42
O3 PGE H . 13.25 1.11 -12.23
#